data_4F4L
#
_entry.id   4F4L
#
_cell.length_a   117.070
_cell.length_b   74.080
_cell.length_c   107.930
_cell.angle_alpha   90.00
_cell.angle_beta   118.26
_cell.angle_gamma   90.00
#
_symmetry.space_group_name_H-M   'C 1 2 1'
#
loop_
_entity.id
_entity.type
_entity.pdbx_description
1 polymer 'Ion transport protein'
2 water water
#
_entity_poly.entity_id   1
_entity_poly.type   'polypeptide(L)'
_entity_poly.pdbx_seq_one_letter_code
;GSHMGVGSVAALLTVVFYIAAVMATNLYGATFPEWFGDLSKSLYTLFQVMTLESWSMGIVRPVMNVHPNAWVFFIPFIML
TTFTVLNLFIGIIVDAMAITKEQEEEAKTGHH
;
_entity_poly.pdbx_strand_id   A,B,C,D
#
# COMPACT_ATOMS: atom_id res chain seq x y z
N SER A 8 6.91 -23.98 -6.39
CA SER A 8 7.76 -24.45 -5.30
C SER A 8 7.47 -23.68 -4.00
N VAL A 9 7.64 -22.33 -4.02
CA VAL A 9 7.37 -21.41 -2.89
C VAL A 9 5.84 -21.36 -2.75
N ALA A 10 5.16 -21.30 -3.92
CA ALA A 10 3.70 -21.27 -4.09
C ALA A 10 3.05 -22.48 -3.43
N ALA A 11 3.73 -23.63 -3.45
CA ALA A 11 3.27 -24.88 -2.86
C ALA A 11 3.13 -24.80 -1.34
N LEU A 12 4.06 -24.13 -0.65
CA LEU A 12 4.05 -23.98 0.80
C LEU A 12 3.22 -22.77 1.29
N LEU A 13 3.18 -21.70 0.49
CA LEU A 13 2.41 -20.49 0.80
C LEU A 13 0.91 -20.81 0.81
N THR A 14 0.46 -21.64 -0.15
CA THR A 14 -0.90 -22.16 -0.30
C THR A 14 -1.29 -22.91 0.97
N VAL A 15 -0.35 -23.70 1.49
CA VAL A 15 -0.49 -24.46 2.72
C VAL A 15 -0.66 -23.47 3.90
N VAL A 16 0.27 -22.48 4.00
CA VAL A 16 0.29 -21.41 5.02
C VAL A 16 -1.05 -20.65 5.06
N PHE A 17 -1.55 -20.23 3.88
CA PHE A 17 -2.85 -19.55 3.75
C PHE A 17 -3.97 -20.47 4.26
N TYR A 18 -3.97 -21.77 3.86
CA TYR A 18 -4.96 -22.75 4.30
C TYR A 18 -5.00 -22.94 5.81
N ILE A 19 -3.80 -23.02 6.45
CA ILE A 19 -3.66 -23.18 7.92
C ILE A 19 -4.28 -21.99 8.66
N ALA A 20 -3.81 -20.76 8.32
CA ALA A 20 -4.25 -19.48 8.90
C ALA A 20 -5.74 -19.24 8.68
N ALA A 21 -6.26 -19.58 7.48
CA ALA A 21 -7.67 -19.44 7.10
C ALA A 21 -8.55 -20.32 7.97
N VAL A 22 -8.12 -21.58 8.19
CA VAL A 22 -8.81 -22.52 9.05
C VAL A 22 -8.77 -22.00 10.48
N MET A 23 -7.58 -21.54 10.92
CA MET A 23 -7.35 -20.99 12.25
C MET A 23 -8.24 -19.76 12.53
N ALA A 24 -8.17 -18.74 11.65
CA ALA A 24 -8.97 -17.50 11.74
C ALA A 24 -10.49 -17.73 11.77
N THR A 25 -11.01 -18.67 10.93
CA THR A 25 -12.44 -19.03 10.85
C THR A 25 -12.94 -19.47 12.22
N ASN A 26 -12.18 -20.38 12.87
CA ASN A 26 -12.45 -20.93 14.18
C ASN A 26 -12.26 -19.88 15.31
N LEU A 27 -11.32 -18.93 15.11
CA LEU A 27 -10.99 -17.90 16.09
C LEU A 27 -11.88 -16.69 16.06
N TYR A 28 -12.12 -16.13 14.86
CA TYR A 28 -12.82 -14.86 14.73
C TYR A 28 -14.13 -14.84 13.91
N GLY A 29 -14.53 -15.99 13.34
CA GLY A 29 -15.76 -16.16 12.55
C GLY A 29 -17.08 -15.93 13.29
N ALA A 30 -17.04 -16.10 14.62
CA ALA A 30 -18.16 -15.92 15.51
C ALA A 30 -18.50 -14.45 15.62
N THR A 31 -17.50 -13.64 16.01
CA THR A 31 -17.62 -12.19 16.20
C THR A 31 -17.50 -11.36 14.92
N PHE A 32 -16.81 -11.87 13.89
CA PHE A 32 -16.63 -11.16 12.63
C PHE A 32 -17.02 -12.06 11.47
N PRO A 33 -18.32 -12.36 11.30
CA PRO A 33 -18.74 -13.29 10.25
C PRO A 33 -18.59 -12.75 8.83
N GLU A 34 -18.66 -11.41 8.68
CA GLU A 34 -18.50 -10.76 7.37
C GLU A 34 -17.08 -11.02 6.82
N TRP A 35 -16.04 -11.05 7.70
CA TRP A 35 -14.65 -11.30 7.29
C TRP A 35 -14.13 -12.73 7.56
N PHE A 36 -14.62 -13.40 8.63
CA PHE A 36 -14.12 -14.71 9.04
C PHE A 36 -15.09 -15.86 9.19
N GLY A 37 -16.39 -15.59 9.09
CA GLY A 37 -17.46 -16.59 9.27
C GLY A 37 -17.36 -17.87 8.45
N ASP A 38 -16.72 -17.77 7.26
CA ASP A 38 -16.53 -18.89 6.32
C ASP A 38 -15.05 -19.15 6.14
N LEU A 39 -14.71 -20.32 5.61
CA LEU A 39 -13.33 -20.65 5.29
C LEU A 39 -12.95 -19.88 4.02
N SER A 40 -13.93 -19.65 3.14
CA SER A 40 -13.78 -18.88 1.92
C SER A 40 -13.63 -17.38 2.25
N LYS A 41 -14.46 -16.87 3.20
CA LYS A 41 -14.43 -15.47 3.68
C LYS A 41 -13.05 -15.16 4.25
N SER A 42 -12.50 -16.06 5.14
CA SER A 42 -11.18 -15.94 5.74
C SER A 42 -10.06 -16.02 4.72
N LEU A 43 -10.33 -16.69 3.59
CA LEU A 43 -9.35 -16.75 2.52
C LEU A 43 -9.26 -15.37 1.86
N TYR A 44 -10.44 -14.72 1.61
CA TYR A 44 -10.52 -13.38 1.02
C TYR A 44 -9.84 -12.38 1.93
N THR A 45 -10.23 -12.35 3.22
CA THR A 45 -9.70 -11.45 4.26
C THR A 45 -8.20 -11.60 4.40
N LEU A 46 -7.68 -12.82 4.48
CA LEU A 46 -6.25 -12.99 4.63
C LEU A 46 -5.40 -12.57 3.44
N PHE A 47 -5.97 -12.68 2.23
CA PHE A 47 -5.28 -12.23 1.03
C PHE A 47 -5.18 -10.70 1.02
N GLN A 48 -6.27 -10.00 1.41
CA GLN A 48 -6.35 -8.53 1.51
C GLN A 48 -5.34 -8.04 2.53
N VAL A 49 -5.21 -8.76 3.65
CA VAL A 49 -4.27 -8.48 4.72
C VAL A 49 -2.86 -8.70 4.16
N MET A 50 -2.68 -9.71 3.26
CA MET A 50 -1.37 -9.96 2.63
C MET A 50 -0.97 -8.82 1.69
N THR A 51 -1.94 -8.30 0.90
CA THR A 51 -1.68 -7.17 0.02
C THR A 51 -1.56 -5.86 0.85
N LEU A 52 -1.70 -5.99 2.20
CA LEU A 52 -1.62 -4.94 3.23
C LEU A 52 -2.71 -3.87 3.16
N GLU A 53 -3.76 -4.07 2.35
CA GLU A 53 -4.83 -3.06 2.21
C GLU A 53 -5.80 -3.06 3.38
N SER A 54 -5.74 -1.97 4.17
CA SER A 54 -6.58 -1.75 5.34
C SER A 54 -6.55 -2.91 6.35
N TRP A 55 -5.39 -3.56 6.46
CA TRP A 55 -5.21 -4.70 7.37
C TRP A 55 -5.38 -4.24 8.80
N SER A 56 -4.77 -3.08 9.15
CA SER A 56 -4.75 -2.54 10.50
C SER A 56 -6.04 -1.79 10.81
N MET A 57 -6.21 -0.59 10.22
CA MET A 57 -7.38 0.25 10.44
C MET A 57 -8.68 -0.47 10.13
N GLY A 58 -8.70 -1.20 9.02
CA GLY A 58 -9.87 -1.90 8.52
C GLY A 58 -10.19 -3.25 9.15
N ILE A 59 -9.16 -4.08 9.47
CA ILE A 59 -9.37 -5.46 10.00
C ILE A 59 -8.84 -5.73 11.42
N VAL A 60 -7.52 -5.64 11.62
CA VAL A 60 -6.86 -5.95 12.89
C VAL A 60 -7.33 -5.06 14.05
N ARG A 61 -7.30 -3.72 13.88
CA ARG A 61 -7.74 -2.82 14.95
C ARG A 61 -9.20 -3.11 15.42
N PRO A 62 -10.20 -3.30 14.51
CA PRO A 62 -11.56 -3.62 14.98
C PRO A 62 -11.66 -4.98 15.69
N VAL A 63 -10.89 -5.98 15.22
CA VAL A 63 -10.84 -7.33 15.81
C VAL A 63 -10.29 -7.27 17.24
N MET A 64 -9.27 -6.43 17.44
CA MET A 64 -8.63 -6.17 18.73
C MET A 64 -9.53 -5.46 19.76
N ASN A 65 -10.68 -4.93 19.34
CA ASN A 65 -11.61 -4.30 20.28
C ASN A 65 -12.44 -5.39 20.96
N VAL A 66 -12.55 -6.57 20.28
CA VAL A 66 -13.24 -7.79 20.70
C VAL A 66 -12.23 -8.72 21.35
N HIS A 67 -11.24 -9.20 20.55
CA HIS A 67 -10.20 -10.10 21.02
C HIS A 67 -8.91 -9.29 21.05
N PRO A 68 -8.55 -8.62 22.16
CA PRO A 68 -7.28 -7.87 22.16
C PRO A 68 -6.10 -8.83 22.03
N ASN A 69 -4.97 -8.32 21.56
CA ASN A 69 -3.76 -9.11 21.33
C ASN A 69 -3.86 -10.18 20.23
N ALA A 70 -4.86 -10.04 19.32
CA ALA A 70 -5.09 -10.86 18.12
C ALA A 70 -4.03 -10.50 17.06
N TRP A 71 -3.21 -9.44 17.35
CA TRP A 71 -2.09 -8.98 16.52
C TRP A 71 -1.04 -10.07 16.51
N VAL A 72 -1.07 -10.91 17.57
CA VAL A 72 -0.21 -12.06 17.75
C VAL A 72 -0.46 -13.05 16.60
N PHE A 73 -1.69 -13.06 16.01
CA PHE A 73 -1.96 -13.91 14.86
C PHE A 73 -1.55 -13.12 13.63
N PHE A 74 -2.02 -11.87 13.53
CA PHE A 74 -1.86 -11.05 12.35
C PHE A 74 -0.47 -10.59 11.98
N ILE A 75 0.23 -9.86 12.87
CA ILE A 75 1.59 -9.38 12.59
C ILE A 75 2.48 -10.56 12.10
N PRO A 76 2.52 -11.75 12.80
CA PRO A 76 3.31 -12.88 12.27
C PRO A 76 2.84 -13.33 10.90
N PHE A 77 1.51 -13.43 10.69
CA PHE A 77 0.95 -13.81 9.40
C PHE A 77 1.50 -12.88 8.33
N ILE A 78 1.54 -11.58 8.65
CA ILE A 78 2.05 -10.53 7.78
C ILE A 78 3.53 -10.77 7.46
N MET A 79 4.39 -11.02 8.49
CA MET A 79 5.81 -11.28 8.23
C MET A 79 5.97 -12.47 7.33
N LEU A 80 5.41 -13.64 7.72
CA LEU A 80 5.43 -14.90 6.98
C LEU A 80 5.08 -14.76 5.50
N THR A 81 3.85 -14.26 5.21
CA THR A 81 3.34 -14.06 3.86
C THR A 81 4.07 -12.99 3.04
N THR A 82 4.58 -11.94 3.71
CA THR A 82 5.36 -10.87 3.06
C THR A 82 6.74 -11.43 2.66
N PHE A 83 7.40 -12.13 3.61
CA PHE A 83 8.71 -12.79 3.46
C PHE A 83 8.70 -13.71 2.27
N THR A 84 7.75 -14.68 2.23
CA THR A 84 7.59 -15.68 1.15
C THR A 84 7.40 -15.06 -0.23
N VAL A 85 6.70 -13.91 -0.31
CA VAL A 85 6.46 -13.18 -1.55
C VAL A 85 7.79 -12.78 -2.26
N LEU A 86 8.80 -12.33 -1.49
CA LEU A 86 10.15 -11.96 -1.97
C LEU A 86 10.91 -13.20 -2.45
N ASN A 87 10.73 -14.33 -1.72
CA ASN A 87 11.32 -15.66 -1.97
C ASN A 87 10.66 -16.31 -3.20
N LEU A 88 9.47 -15.81 -3.59
CA LEU A 88 8.72 -16.24 -4.78
C LEU A 88 9.00 -15.24 -5.92
N PHE A 89 9.22 -13.95 -5.57
CA PHE A 89 9.57 -12.86 -6.51
C PHE A 89 10.92 -13.19 -7.14
N ILE A 90 11.86 -13.67 -6.30
CA ILE A 90 13.20 -14.12 -6.70
C ILE A 90 13.11 -15.57 -7.21
N GLY A 91 12.06 -16.29 -6.79
CA GLY A 91 11.78 -17.68 -7.17
C GLY A 91 11.18 -17.84 -8.56
N ILE A 92 11.35 -16.81 -9.41
CA ILE A 92 10.94 -16.71 -10.80
C ILE A 92 12.17 -16.20 -11.58
N ILE A 93 12.90 -15.23 -10.95
CA ILE A 93 14.13 -14.60 -11.46
C ILE A 93 15.30 -15.58 -11.58
N SER B 8 22.82 10.13 -6.85
CA SER B 8 22.55 10.99 -8.00
C SER B 8 21.04 11.18 -8.22
N VAL B 9 20.26 10.08 -8.09
CA VAL B 9 18.79 10.04 -8.26
C VAL B 9 18.14 10.96 -7.22
N ALA B 10 18.59 10.84 -5.95
CA ALA B 10 18.13 11.59 -4.78
C ALA B 10 17.89 13.07 -5.03
N ALA B 11 18.82 13.73 -5.74
CA ALA B 11 18.70 15.15 -6.08
C ALA B 11 17.69 15.38 -7.20
N LEU B 12 17.69 14.54 -8.25
CA LEU B 12 16.75 14.61 -9.38
C LEU B 12 15.30 14.51 -8.88
N LEU B 13 15.07 13.57 -7.94
CA LEU B 13 13.82 13.25 -7.29
C LEU B 13 13.30 14.48 -6.54
N THR B 14 14.19 15.13 -5.77
CA THR B 14 13.93 16.33 -4.98
C THR B 14 13.50 17.46 -5.91
N VAL B 15 14.13 17.54 -7.09
CA VAL B 15 13.82 18.49 -8.17
C VAL B 15 12.37 18.22 -8.64
N VAL B 16 12.09 16.96 -9.01
CA VAL B 16 10.78 16.47 -9.48
C VAL B 16 9.67 16.80 -8.48
N PHE B 17 9.90 16.50 -7.19
CA PHE B 17 8.98 16.80 -6.10
C PHE B 17 8.71 18.29 -6.04
N TYR B 18 9.78 19.11 -6.11
CA TYR B 18 9.67 20.57 -6.07
C TYR B 18 8.86 21.13 -7.26
N ILE B 19 9.06 20.58 -8.48
CA ILE B 19 8.35 20.99 -9.69
C ILE B 19 6.84 20.77 -9.52
N ALA B 20 6.46 19.50 -9.21
CA ALA B 20 5.08 19.05 -9.02
C ALA B 20 4.40 19.77 -7.85
N ALA B 21 5.13 20.04 -6.75
CA ALA B 21 4.63 20.74 -5.57
C ALA B 21 4.24 22.15 -5.94
N VAL B 22 5.10 22.84 -6.71
CA VAL B 22 4.83 24.19 -7.18
C VAL B 22 3.63 24.15 -8.12
N MET B 23 3.62 23.18 -9.07
CA MET B 23 2.54 22.96 -10.03
C MET B 23 1.18 22.77 -9.34
N ALA B 24 1.10 21.76 -8.46
CA ALA B 24 -0.09 21.39 -7.68
C ALA B 24 -0.65 22.55 -6.86
N THR B 25 0.23 23.33 -6.18
CA THR B 25 -0.11 24.50 -5.35
C THR B 25 -0.93 25.49 -6.19
N ASN B 26 -0.42 25.82 -7.39
CA ASN B 26 -1.04 26.76 -8.33
C ASN B 26 -2.29 26.17 -8.99
N LEU B 27 -2.32 24.84 -9.13
CA LEU B 27 -3.39 24.11 -9.78
C LEU B 27 -4.59 23.80 -8.90
N TYR B 28 -4.34 23.25 -7.69
CA TYR B 28 -5.38 22.74 -6.80
C TYR B 28 -5.52 23.42 -5.42
N GLY B 29 -4.59 24.32 -5.06
CA GLY B 29 -4.58 25.04 -3.79
C GLY B 29 -5.78 25.91 -3.47
N ALA B 30 -6.47 26.38 -4.52
CA ALA B 30 -7.65 27.22 -4.42
C ALA B 30 -8.81 26.41 -3.89
N THR B 31 -9.10 25.27 -4.57
CA THR B 31 -10.21 24.36 -4.23
C THR B 31 -9.90 23.36 -3.12
N PHE B 32 -8.64 22.99 -2.94
CA PHE B 32 -8.25 22.03 -1.92
C PHE B 32 -7.12 22.62 -1.08
N PRO B 33 -7.42 23.63 -0.24
CA PRO B 33 -6.36 24.27 0.54
C PRO B 33 -5.77 23.40 1.64
N GLU B 34 -6.57 22.45 2.15
CA GLU B 34 -6.15 21.52 3.18
C GLU B 34 -4.97 20.69 2.69
N TRP B 35 -4.99 20.28 1.41
CA TRP B 35 -3.90 19.48 0.85
C TRP B 35 -2.92 20.23 -0.09
N PHE B 36 -3.39 21.25 -0.84
CA PHE B 36 -2.55 21.92 -1.81
C PHE B 36 -2.41 23.46 -1.67
N GLY B 37 -3.06 24.07 -0.69
CA GLY B 37 -3.04 25.52 -0.47
C GLY B 37 -1.69 26.18 -0.26
N ASP B 38 -0.72 25.41 0.25
CA ASP B 38 0.66 25.83 0.55
C ASP B 38 1.66 25.00 -0.27
N LEU B 39 2.89 25.51 -0.44
CA LEU B 39 3.93 24.76 -1.13
C LEU B 39 4.39 23.63 -0.21
N SER B 40 4.31 23.84 1.12
CA SER B 40 4.65 22.82 2.11
C SER B 40 3.52 21.78 2.24
N LYS B 41 2.23 22.23 2.14
CA LYS B 41 1.06 21.34 2.17
C LYS B 41 1.14 20.38 0.97
N SER B 42 1.46 20.92 -0.23
CA SER B 42 1.64 20.17 -1.47
C SER B 42 2.81 19.19 -1.39
N LEU B 43 3.80 19.52 -0.58
CA LEU B 43 4.97 18.68 -0.35
C LEU B 43 4.48 17.44 0.38
N TYR B 44 3.72 17.64 1.49
CA TYR B 44 3.16 16.59 2.32
C TYR B 44 2.27 15.65 1.50
N THR B 45 1.27 16.23 0.82
CA THR B 45 0.32 15.50 -0.01
C THR B 45 1.02 14.69 -1.09
N LEU B 46 1.97 15.29 -1.80
CA LEU B 46 2.65 14.55 -2.85
C LEU B 46 3.53 13.40 -2.37
N PHE B 47 4.03 13.49 -1.12
CA PHE B 47 4.81 12.39 -0.53
C PHE B 47 3.87 11.24 -0.15
N GLN B 48 2.68 11.58 0.42
CA GLN B 48 1.64 10.61 0.79
C GLN B 48 1.19 9.84 -0.46
N VAL B 49 1.00 10.57 -1.58
CA VAL B 49 0.62 10.01 -2.88
C VAL B 49 1.74 9.11 -3.39
N MET B 50 3.01 9.48 -3.12
CA MET B 50 4.17 8.68 -3.52
C MET B 50 4.23 7.37 -2.72
N THR B 51 3.87 7.40 -1.42
CA THR B 51 3.81 6.21 -0.58
C THR B 51 2.56 5.38 -0.96
N LEU B 52 1.72 5.95 -1.87
CA LEU B 52 0.45 5.43 -2.43
C LEU B 52 -0.66 5.29 -1.42
N GLU B 53 -0.51 5.94 -0.26
CA GLU B 53 -1.46 5.89 0.84
C GLU B 53 -2.72 6.78 0.55
N SER B 54 -3.87 6.15 0.24
CA SER B 54 -5.10 6.87 -0.05
C SER B 54 -4.96 7.95 -1.13
N TRP B 55 -4.13 7.68 -2.12
CA TRP B 55 -3.88 8.59 -3.22
C TRP B 55 -5.12 8.77 -4.09
N SER B 56 -5.82 7.66 -4.45
CA SER B 56 -7.00 7.66 -5.31
C SER B 56 -8.28 8.01 -4.53
N MET B 57 -8.71 7.11 -3.63
CA MET B 57 -9.93 7.29 -2.84
C MET B 57 -9.91 8.59 -2.01
N GLY B 58 -8.76 8.85 -1.37
CA GLY B 58 -8.56 9.97 -0.48
C GLY B 58 -8.19 11.30 -1.09
N ILE B 59 -7.41 11.34 -2.20
CA ILE B 59 -6.97 12.60 -2.80
C ILE B 59 -7.39 12.84 -4.27
N VAL B 60 -6.98 11.97 -5.19
CA VAL B 60 -7.25 12.08 -6.62
C VAL B 60 -8.76 12.04 -6.99
N ARG B 61 -9.51 11.03 -6.52
CA ARG B 61 -10.94 10.97 -6.80
C ARG B 61 -11.69 12.23 -6.30
N PRO B 62 -11.41 12.76 -5.07
CA PRO B 62 -12.10 13.99 -4.63
C PRO B 62 -11.80 15.19 -5.50
N VAL B 63 -10.51 15.31 -5.92
CA VAL B 63 -9.99 16.40 -6.75
C VAL B 63 -10.63 16.38 -8.16
N MET B 64 -10.85 15.19 -8.69
CA MET B 64 -11.51 14.95 -9.97
C MET B 64 -13.01 15.27 -9.98
N ASN B 65 -13.62 15.52 -8.80
CA ASN B 65 -15.04 15.91 -8.73
C ASN B 65 -15.14 17.41 -9.05
N VAL B 66 -14.01 18.13 -8.84
CA VAL B 66 -13.81 19.55 -9.07
C VAL B 66 -13.16 19.74 -10.45
N HIS B 67 -11.90 19.29 -10.61
CA HIS B 67 -11.19 19.38 -11.88
C HIS B 67 -11.05 17.97 -12.43
N PRO B 68 -12.03 17.51 -13.23
CA PRO B 68 -11.92 16.15 -13.79
C PRO B 68 -10.70 16.05 -14.67
N ASN B 69 -10.22 14.83 -14.87
CA ASN B 69 -9.03 14.56 -15.67
C ASN B 69 -7.69 15.13 -15.10
N ALA B 70 -7.68 15.42 -13.77
CA ALA B 70 -6.53 15.84 -12.96
C ALA B 70 -5.64 14.61 -12.72
N TRP B 71 -6.12 13.42 -13.17
CA TRP B 71 -5.40 12.14 -13.13
C TRP B 71 -4.19 12.23 -14.08
N VAL B 72 -4.32 13.13 -15.08
CA VAL B 72 -3.25 13.39 -16.04
C VAL B 72 -2.04 13.97 -15.29
N PHE B 73 -2.23 14.64 -14.14
CA PHE B 73 -1.09 15.13 -13.37
C PHE B 73 -0.67 14.01 -12.44
N PHE B 74 -1.63 13.41 -11.74
CA PHE B 74 -1.35 12.40 -10.72
C PHE B 74 -0.76 11.06 -11.20
N ILE B 75 -1.46 10.32 -12.09
CA ILE B 75 -0.97 9.03 -12.57
C ILE B 75 0.50 9.14 -13.06
N PRO B 76 0.85 10.13 -13.93
CA PRO B 76 2.26 10.29 -14.34
C PRO B 76 3.17 10.56 -13.17
N PHE B 77 2.74 11.44 -12.23
CA PHE B 77 3.52 11.72 -11.03
C PHE B 77 3.81 10.43 -10.29
N ILE B 78 2.81 9.53 -10.20
CA ILE B 78 2.91 8.23 -9.56
C ILE B 78 3.95 7.38 -10.29
N MET B 79 3.88 7.29 -11.65
CA MET B 79 4.86 6.52 -12.44
C MET B 79 6.27 7.00 -12.19
N LEU B 80 6.52 8.29 -12.45
CA LEU B 80 7.80 8.98 -12.26
C LEU B 80 8.45 8.70 -10.92
N THR B 81 7.78 9.07 -9.80
CA THR B 81 8.23 8.89 -8.42
C THR B 81 8.40 7.43 -7.99
N THR B 82 7.49 6.55 -8.47
CA THR B 82 7.53 5.10 -8.21
C THR B 82 8.78 4.50 -8.91
N PHE B 83 8.95 4.79 -10.22
CA PHE B 83 10.08 4.32 -11.02
C PHE B 83 11.41 4.76 -10.44
N THR B 84 11.58 6.05 -10.10
CA THR B 84 12.84 6.58 -9.53
C THR B 84 13.17 5.96 -8.18
N VAL B 85 12.15 5.76 -7.33
CA VAL B 85 12.37 5.15 -6.01
C VAL B 85 12.73 3.66 -6.17
N LEU B 86 12.20 3.02 -7.22
CA LEU B 86 12.55 1.65 -7.59
C LEU B 86 14.05 1.66 -7.95
N ASN B 87 14.45 2.62 -8.82
CA ASN B 87 15.80 2.86 -9.34
C ASN B 87 16.80 3.24 -8.24
N LEU B 88 16.47 4.19 -7.38
CA LEU B 88 17.35 4.58 -6.28
C LEU B 88 17.56 3.40 -5.31
N PHE B 89 16.54 2.53 -5.17
CA PHE B 89 16.64 1.34 -4.33
C PHE B 89 17.62 0.35 -4.93
N ILE B 90 17.35 -0.13 -6.16
CA ILE B 90 18.20 -1.05 -6.94
C ILE B 90 19.64 -0.51 -7.03
N GLY B 91 19.77 0.78 -7.39
CA GLY B 91 21.03 1.51 -7.53
C GLY B 91 21.94 1.42 -6.33
N ILE B 92 21.41 1.77 -5.14
CA ILE B 92 22.14 1.70 -3.87
C ILE B 92 22.39 0.23 -3.48
N ILE B 93 21.35 -0.61 -3.61
CA ILE B 93 21.36 -2.03 -3.24
C ILE B 93 22.35 -2.94 -4.00
N VAL B 94 22.30 -2.98 -5.35
CA VAL B 94 23.19 -3.81 -6.20
C VAL B 94 24.68 -3.57 -5.84
N ASP B 95 25.05 -2.28 -5.65
CA ASP B 95 26.39 -1.79 -5.29
C ASP B 95 27.03 -2.47 -4.06
N ALA B 96 26.30 -2.52 -2.92
CA ALA B 96 26.79 -3.14 -1.69
C ALA B 96 26.78 -4.67 -1.79
N MET C 4 11.91 -2.24 -26.07
CA MET C 4 11.76 -3.70 -26.10
C MET C 4 11.74 -4.31 -24.68
N GLY C 5 10.85 -5.30 -24.49
CA GLY C 5 10.54 -6.03 -23.25
C GLY C 5 11.57 -6.05 -22.14
N VAL C 6 11.58 -5.10 -21.16
CA VAL C 6 10.72 -3.94 -20.78
C VAL C 6 9.60 -3.40 -21.72
N GLY C 7 9.96 -2.72 -22.81
CA GLY C 7 9.04 -2.12 -23.78
C GLY C 7 7.88 -2.98 -24.26
N SER C 8 8.17 -4.23 -24.67
CA SER C 8 7.22 -5.25 -25.15
C SER C 8 6.40 -5.83 -23.98
N VAL C 9 7.00 -5.90 -22.78
CA VAL C 9 6.36 -6.35 -21.53
C VAL C 9 5.40 -5.22 -21.08
N ALA C 10 5.83 -3.95 -21.26
CA ALA C 10 5.06 -2.74 -20.99
C ALA C 10 3.88 -2.68 -21.96
N ALA C 11 4.10 -3.16 -23.19
CA ALA C 11 3.10 -3.25 -24.24
C ALA C 11 2.13 -4.38 -23.94
N LEU C 12 2.63 -5.49 -23.31
CA LEU C 12 1.81 -6.64 -22.90
C LEU C 12 0.85 -6.23 -21.77
N LEU C 13 1.38 -5.43 -20.83
CA LEU C 13 0.72 -4.87 -19.64
C LEU C 13 -0.45 -3.99 -20.10
N THR C 14 -0.17 -3.09 -21.06
CA THR C 14 -1.10 -2.15 -21.69
C THR C 14 -2.26 -2.92 -22.31
N VAL C 15 -1.94 -4.06 -22.94
CA VAL C 15 -2.88 -5.00 -23.56
C VAL C 15 -3.77 -5.56 -22.43
N VAL C 16 -3.14 -6.12 -21.35
CA VAL C 16 -3.81 -6.70 -20.19
C VAL C 16 -4.77 -5.72 -19.53
N PHE C 17 -4.32 -4.48 -19.32
CA PHE C 17 -5.13 -3.40 -18.76
C PHE C 17 -6.33 -3.13 -19.67
N TYR C 18 -6.10 -3.04 -21.01
CA TYR C 18 -7.18 -2.82 -21.97
C TYR C 18 -8.24 -3.93 -21.96
N ILE C 19 -7.79 -5.20 -21.88
CA ILE C 19 -8.62 -6.43 -21.82
C ILE C 19 -9.59 -6.32 -20.64
N ALA C 20 -9.00 -6.24 -19.42
CA ALA C 20 -9.69 -6.18 -18.13
C ALA C 20 -10.60 -4.95 -18.02
N ALA C 21 -10.15 -3.78 -18.55
CA ALA C 21 -10.90 -2.51 -18.55
C ALA C 21 -12.16 -2.65 -19.38
N VAL C 22 -12.07 -3.31 -20.56
CA VAL C 22 -13.20 -3.60 -21.44
C VAL C 22 -14.14 -4.59 -20.73
N MET C 23 -13.55 -5.66 -20.15
CA MET C 23 -14.26 -6.69 -19.39
C MET C 23 -15.08 -6.08 -18.24
N ALA C 24 -14.40 -5.39 -17.31
CA ALA C 24 -15.03 -4.75 -16.15
C ALA C 24 -16.14 -3.74 -16.49
N THR C 25 -15.96 -2.94 -17.58
CA THR C 25 -16.93 -1.95 -18.06
C THR C 25 -18.24 -2.65 -18.35
N ASN C 26 -18.16 -3.77 -19.05
CA ASN C 26 -19.30 -4.59 -19.44
C ASN C 26 -19.87 -5.42 -18.29
N LEU C 27 -19.01 -5.75 -17.30
CA LEU C 27 -19.38 -6.54 -16.13
C LEU C 27 -20.00 -5.74 -15.00
N TYR C 28 -19.34 -4.62 -14.60
CA TYR C 28 -19.71 -3.85 -13.43
C TYR C 28 -20.17 -2.38 -13.63
N GLY C 29 -20.08 -1.86 -14.87
CA GLY C 29 -20.47 -0.50 -15.22
C GLY C 29 -21.94 -0.12 -15.02
N ALA C 30 -22.80 -1.13 -14.98
CA ALA C 30 -24.25 -0.98 -14.80
C ALA C 30 -24.54 -0.60 -13.37
N THR C 31 -24.03 -1.43 -12.45
CA THR C 31 -24.17 -1.31 -10.99
C THR C 31 -23.20 -0.32 -10.33
N PHE C 32 -22.00 -0.14 -10.91
CA PHE C 32 -21.02 0.76 -10.35
C PHE C 32 -20.53 1.72 -11.41
N PRO C 33 -21.40 2.65 -11.85
CA PRO C 33 -21.00 3.57 -12.93
C PRO C 33 -19.93 4.60 -12.58
N GLU C 34 -19.80 4.94 -11.28
CA GLU C 34 -18.78 5.88 -10.83
C GLU C 34 -17.38 5.29 -11.02
N TRP C 35 -17.23 3.95 -10.85
CA TRP C 35 -15.97 3.24 -11.01
C TRP C 35 -15.77 2.53 -12.39
N PHE C 36 -16.85 1.94 -12.97
CA PHE C 36 -16.75 1.15 -14.19
C PHE C 36 -17.67 1.52 -15.36
N GLY C 37 -18.51 2.54 -15.19
CA GLY C 37 -19.48 2.99 -16.21
C GLY C 37 -18.94 3.31 -17.59
N ASP C 38 -17.65 3.72 -17.66
CA ASP C 38 -16.93 4.08 -18.88
C ASP C 38 -15.69 3.21 -19.03
N LEU C 39 -15.08 3.17 -20.23
CA LEU C 39 -13.83 2.44 -20.45
C LEU C 39 -12.67 3.23 -19.81
N SER C 40 -12.79 4.57 -19.77
CA SER C 40 -11.81 5.45 -19.13
C SER C 40 -11.93 5.33 -17.60
N LYS C 41 -13.18 5.27 -17.06
CA LYS C 41 -13.47 5.10 -15.62
C LYS C 41 -12.84 3.78 -15.13
N SER C 42 -13.07 2.67 -15.89
CA SER C 42 -12.52 1.34 -15.61
C SER C 42 -10.99 1.34 -15.69
N LEU C 43 -10.42 2.23 -16.51
CA LEU C 43 -8.99 2.42 -16.70
C LEU C 43 -8.39 2.94 -15.40
N TYR C 44 -8.99 4.03 -14.87
CA TYR C 44 -8.61 4.70 -13.64
C TYR C 44 -8.76 3.74 -12.43
N THR C 45 -9.92 3.07 -12.31
CA THR C 45 -10.22 2.12 -11.25
C THR C 45 -9.23 0.96 -11.21
N LEU C 46 -8.98 0.32 -12.38
CA LEU C 46 -8.05 -0.82 -12.47
C LEU C 46 -6.58 -0.43 -12.14
N PHE C 47 -6.17 0.81 -12.45
CA PHE C 47 -4.85 1.31 -12.12
C PHE C 47 -4.72 1.49 -10.59
N GLN C 48 -5.79 2.04 -9.95
CA GLN C 48 -5.86 2.23 -8.50
C GLN C 48 -5.77 0.88 -7.78
N VAL C 49 -6.47 -0.15 -8.32
CA VAL C 49 -6.48 -1.53 -7.82
C VAL C 49 -5.07 -2.11 -8.00
N MET C 50 -4.37 -1.69 -9.05
CA MET C 50 -3.01 -2.12 -9.34
C MET C 50 -2.05 -1.61 -8.28
N THR C 51 -2.18 -0.31 -7.91
CA THR C 51 -1.35 0.30 -6.88
C THR C 51 -1.78 -0.17 -5.49
N LEU C 52 -2.80 -1.09 -5.46
CA LEU C 52 -3.48 -1.75 -4.32
C LEU C 52 -4.15 -0.81 -3.33
N GLU C 53 -4.37 0.46 -3.73
CA GLU C 53 -4.99 1.42 -2.82
C GLU C 53 -6.53 1.31 -2.74
N SER C 54 -6.99 0.86 -1.55
CA SER C 54 -8.40 0.60 -1.23
C SER C 54 -9.05 -0.32 -2.26
N TRP C 55 -8.28 -1.29 -2.75
CA TRP C 55 -8.76 -2.24 -3.74
C TRP C 55 -9.88 -3.12 -3.14
N SER C 56 -9.67 -3.62 -1.90
CA SER C 56 -10.57 -4.52 -1.20
C SER C 56 -11.70 -3.76 -0.53
N MET C 57 -11.39 -3.05 0.55
CA MET C 57 -12.36 -2.30 1.33
C MET C 57 -13.13 -1.29 0.45
N GLY C 58 -12.40 -0.55 -0.39
CA GLY C 58 -12.96 0.49 -1.23
C GLY C 58 -13.65 0.05 -2.51
N ILE C 59 -13.17 -1.00 -3.21
CA ILE C 59 -13.76 -1.42 -4.51
C ILE C 59 -14.35 -2.84 -4.57
N VAL C 60 -13.51 -3.85 -4.32
CA VAL C 60 -13.89 -5.26 -4.41
C VAL C 60 -14.97 -5.66 -3.41
N ARG C 61 -14.78 -5.38 -2.10
CA ARG C 61 -15.79 -5.71 -1.08
C ARG C 61 -17.19 -5.09 -1.44
N PRO C 62 -17.27 -3.78 -1.87
CA PRO C 62 -18.57 -3.20 -2.29
C PRO C 62 -19.22 -3.87 -3.49
N VAL C 63 -18.38 -4.25 -4.50
CA VAL C 63 -18.79 -4.94 -5.76
C VAL C 63 -19.35 -6.32 -5.46
N MET C 64 -18.72 -7.03 -4.52
CA MET C 64 -19.13 -8.34 -4.07
C MET C 64 -20.46 -8.36 -3.29
N ASN C 65 -20.98 -7.18 -2.88
CA ASN C 65 -22.29 -7.14 -2.22
C ASN C 65 -23.43 -7.19 -3.27
N VAL C 66 -23.08 -6.83 -4.54
CA VAL C 66 -23.92 -6.84 -5.73
C VAL C 66 -23.66 -8.15 -6.49
N HIS C 67 -22.42 -8.33 -7.01
CA HIS C 67 -22.08 -9.56 -7.70
C HIS C 67 -21.06 -10.29 -6.87
N PRO C 68 -21.50 -11.18 -5.97
CA PRO C 68 -20.53 -11.93 -5.16
C PRO C 68 -19.63 -12.78 -6.04
N ASN C 69 -18.47 -13.10 -5.49
CA ASN C 69 -17.44 -13.88 -6.17
C ASN C 69 -16.80 -13.21 -7.42
N ALA C 70 -16.95 -11.85 -7.53
CA ALA C 70 -16.29 -11.03 -8.57
C ALA C 70 -14.78 -10.86 -8.20
N TRP C 71 -14.37 -11.48 -7.07
CA TRP C 71 -12.98 -11.56 -6.61
C TRP C 71 -12.23 -12.44 -7.61
N VAL C 72 -13.00 -13.31 -8.31
CA VAL C 72 -12.50 -14.20 -9.35
C VAL C 72 -11.94 -13.33 -10.49
N PHE C 73 -12.43 -12.08 -10.64
CA PHE C 73 -11.91 -11.16 -11.65
C PHE C 73 -10.73 -10.42 -11.05
N PHE C 74 -10.95 -9.87 -9.84
CA PHE C 74 -9.99 -9.03 -9.15
C PHE C 74 -8.70 -9.65 -8.66
N ILE C 75 -8.78 -10.66 -7.75
CA ILE C 75 -7.59 -11.33 -7.20
C ILE C 75 -6.65 -11.73 -8.36
N PRO C 76 -7.11 -12.42 -9.44
CA PRO C 76 -6.23 -12.73 -10.58
C PRO C 76 -5.66 -11.48 -11.21
N PHE C 77 -6.51 -10.45 -11.45
CA PHE C 77 -6.00 -9.22 -12.05
C PHE C 77 -4.86 -8.68 -11.23
N ILE C 78 -4.99 -8.73 -9.88
CA ILE C 78 -3.98 -8.29 -8.90
C ILE C 78 -2.69 -9.11 -9.12
N MET C 79 -2.81 -10.46 -9.18
CA MET C 79 -1.68 -11.37 -9.39
C MET C 79 -0.93 -10.92 -10.61
N LEU C 80 -1.61 -10.97 -11.77
CA LEU C 80 -1.07 -10.62 -13.07
C LEU C 80 -0.37 -9.30 -13.17
N THR C 81 -1.05 -8.18 -12.83
CA THR C 81 -0.44 -6.84 -12.87
C THR C 81 0.66 -6.63 -11.88
N THR C 82 0.56 -7.24 -10.70
CA THR C 82 1.61 -7.09 -9.70
C THR C 82 2.86 -7.89 -10.11
N PHE C 83 2.67 -9.12 -10.64
CA PHE C 83 3.72 -10.01 -11.17
C PHE C 83 4.49 -9.30 -12.29
N THR C 84 3.78 -8.79 -13.33
CA THR C 84 4.36 -8.10 -14.48
C THR C 84 5.14 -6.85 -14.09
N VAL C 85 4.61 -6.08 -13.14
CA VAL C 85 5.29 -4.89 -12.65
C VAL C 85 6.60 -5.29 -11.92
N LEU C 86 6.61 -6.49 -11.29
CA LEU C 86 7.80 -7.10 -10.65
C LEU C 86 8.74 -7.67 -11.72
N ASN C 87 8.19 -8.17 -12.85
CA ASN C 87 8.95 -8.66 -13.99
C ASN C 87 9.66 -7.48 -14.63
N LEU C 88 9.01 -6.31 -14.64
CA LEU C 88 9.59 -5.06 -15.15
C LEU C 88 10.57 -4.48 -14.09
N PHE C 89 10.36 -4.86 -12.80
CA PHE C 89 11.22 -4.46 -11.68
C PHE C 89 12.54 -5.26 -11.74
N ILE C 90 12.47 -6.60 -11.87
CA ILE C 90 13.68 -7.46 -12.02
C ILE C 90 14.35 -7.20 -13.39
N GLY C 91 13.56 -6.73 -14.36
CA GLY C 91 14.04 -6.33 -15.69
C GLY C 91 14.85 -5.05 -15.62
N ILE C 92 15.21 -4.63 -14.38
CA ILE C 92 16.01 -3.48 -13.97
C ILE C 92 17.01 -3.92 -12.83
N ILE C 93 16.62 -4.94 -11.99
CA ILE C 93 17.39 -5.52 -10.87
C ILE C 93 18.74 -6.14 -11.33
N VAL C 94 18.69 -7.00 -12.34
CA VAL C 94 19.87 -7.66 -12.91
C VAL C 94 20.42 -6.79 -14.07
N ASP C 95 19.54 -5.95 -14.70
CA ASP C 95 19.89 -5.01 -15.77
C ASP C 95 20.72 -3.80 -15.23
N ALA C 96 21.38 -4.00 -14.07
CA ALA C 96 22.22 -3.01 -13.38
C ALA C 96 23.69 -3.43 -13.40
N SER D 8 21.98 -8.82 12.24
CA SER D 8 22.62 -7.56 12.65
C SER D 8 21.74 -6.37 12.25
N VAL D 9 21.15 -6.45 11.05
CA VAL D 9 20.26 -5.41 10.55
C VAL D 9 18.90 -5.48 11.29
N ALA D 10 18.35 -6.70 11.46
CA ALA D 10 17.10 -6.94 12.16
C ALA D 10 17.17 -6.38 13.58
N ALA D 11 18.35 -6.42 14.20
CA ALA D 11 18.60 -5.91 15.54
C ALA D 11 18.59 -4.39 15.48
N LEU D 12 19.26 -3.82 14.46
CA LEU D 12 19.33 -2.38 14.27
C LEU D 12 17.92 -1.80 14.14
N LEU D 13 17.08 -2.44 13.32
CA LEU D 13 15.69 -2.04 13.08
C LEU D 13 14.85 -2.08 14.36
N THR D 14 14.97 -3.19 15.12
CA THR D 14 14.25 -3.37 16.37
C THR D 14 14.64 -2.27 17.33
N VAL D 15 15.93 -1.91 17.34
CA VAL D 15 16.43 -0.83 18.18
C VAL D 15 15.69 0.43 17.73
N VAL D 16 15.67 0.68 16.42
CA VAL D 16 15.01 1.82 15.78
C VAL D 16 13.54 1.92 16.23
N PHE D 17 12.79 0.83 16.08
CA PHE D 17 11.38 0.78 16.50
C PHE D 17 11.25 1.11 17.97
N TYR D 18 12.13 0.55 18.79
CA TYR D 18 12.11 0.75 20.22
C TYR D 18 12.29 2.21 20.58
N ILE D 19 13.28 2.88 19.97
CA ILE D 19 13.58 4.28 20.22
C ILE D 19 12.40 5.16 19.86
N ALA D 20 11.89 4.99 18.63
CA ALA D 20 10.76 5.77 18.14
C ALA D 20 9.47 5.47 18.90
N ALA D 21 9.29 4.21 19.35
CA ALA D 21 8.11 3.82 20.12
C ALA D 21 8.11 4.55 21.44
N VAL D 22 9.28 4.60 22.11
CA VAL D 22 9.38 5.32 23.38
C VAL D 22 9.12 6.78 23.15
N MET D 23 9.77 7.37 22.14
CA MET D 23 9.60 8.80 21.83
C MET D 23 8.15 9.15 21.57
N ALA D 24 7.49 8.40 20.65
CA ALA D 24 6.09 8.62 20.28
C ALA D 24 5.16 8.53 21.48
N THR D 25 5.36 7.53 22.37
CA THR D 25 4.55 7.36 23.57
C THR D 25 4.60 8.62 24.41
N ASN D 26 5.80 9.18 24.60
CA ASN D 26 5.96 10.39 25.41
C ASN D 26 5.55 11.65 24.67
N LEU D 27 5.45 11.58 23.33
CA LEU D 27 5.09 12.74 22.52
C LEU D 27 3.61 12.85 22.18
N TYR D 28 2.94 11.71 21.90
CA TYR D 28 1.53 11.72 21.48
C TYR D 28 0.57 10.88 22.28
N GLY D 29 1.06 10.11 23.26
CA GLY D 29 0.23 9.25 24.09
C GLY D 29 -0.82 9.97 24.91
N ALA D 30 -0.58 11.25 25.24
CA ALA D 30 -1.48 12.08 26.02
C ALA D 30 -2.73 12.40 25.24
N THR D 31 -2.53 12.95 24.04
CA THR D 31 -3.57 13.38 23.12
C THR D 31 -4.12 12.24 22.26
N PHE D 32 -3.34 11.16 22.07
CA PHE D 32 -3.76 10.06 21.22
C PHE D 32 -3.55 8.73 21.92
N PRO D 33 -4.33 8.50 22.99
CA PRO D 33 -4.22 7.27 23.78
C PRO D 33 -4.41 5.99 23.01
N GLU D 34 -5.41 5.96 22.10
CA GLU D 34 -5.71 4.77 21.28
C GLU D 34 -4.48 4.28 20.53
N TRP D 35 -3.71 5.19 19.93
CA TRP D 35 -2.54 4.85 19.12
C TRP D 35 -1.16 4.92 19.80
N PHE D 36 -0.97 5.79 20.81
CA PHE D 36 0.34 5.98 21.43
C PHE D 36 0.38 6.05 22.95
N GLY D 37 -0.77 5.91 23.61
CA GLY D 37 -0.83 5.98 25.07
C GLY D 37 0.05 4.98 25.81
N ASP D 38 0.43 3.89 25.13
CA ASP D 38 1.24 2.82 25.68
C ASP D 38 2.44 2.53 24.80
N LEU D 39 3.47 1.94 25.38
CA LEU D 39 4.62 1.60 24.59
C LEU D 39 4.33 0.49 23.61
N SER D 40 3.42 -0.41 23.98
CA SER D 40 2.95 -1.48 23.12
C SER D 40 2.02 -0.91 22.03
N LYS D 41 1.14 0.05 22.41
CA LYS D 41 0.22 0.70 21.47
C LYS D 41 1.06 1.39 20.41
N SER D 42 2.12 2.08 20.84
CA SER D 42 3.04 2.76 19.94
C SER D 42 3.74 1.78 19.02
N LEU D 43 4.08 0.59 19.53
CA LEU D 43 4.74 -0.42 18.70
C LEU D 43 3.82 -0.80 17.56
N TYR D 44 2.54 -1.07 17.90
CA TYR D 44 1.52 -1.43 16.92
C TYR D 44 1.37 -0.36 15.87
N THR D 45 1.14 0.88 16.32
CA THR D 45 0.95 2.00 15.41
C THR D 45 2.14 2.20 14.50
N LEU D 46 3.35 2.15 15.05
CA LEU D 46 4.54 2.35 14.25
C LEU D 46 4.74 1.27 13.20
N PHE D 47 4.33 0.05 13.52
CA PHE D 47 4.44 -1.06 12.58
C PHE D 47 3.48 -0.82 11.41
N GLN D 48 2.24 -0.35 11.72
CA GLN D 48 1.22 -0.03 10.73
C GLN D 48 1.74 1.03 9.80
N VAL D 49 2.38 2.08 10.37
CA VAL D 49 2.96 3.18 9.61
C VAL D 49 4.04 2.63 8.70
N MET D 50 4.78 1.62 9.17
CA MET D 50 5.84 1.00 8.39
C MET D 50 5.28 0.31 7.17
N THR D 51 4.16 -0.41 7.32
CA THR D 51 3.52 -1.10 6.20
C THR D 51 2.85 -0.07 5.32
N LEU D 52 2.92 1.22 5.73
CA LEU D 52 2.34 2.38 5.07
C LEU D 52 0.82 2.40 5.05
N GLU D 53 0.15 1.53 5.83
CA GLU D 53 -1.30 1.48 5.82
C GLU D 53 -1.99 2.61 6.62
N SER D 54 -2.64 3.52 5.89
CA SER D 54 -3.37 4.63 6.48
C SER D 54 -2.50 5.49 7.38
N TRP D 55 -1.21 5.51 7.10
CA TRP D 55 -0.29 6.33 7.86
C TRP D 55 -0.60 7.81 7.80
N SER D 56 -1.00 8.33 6.63
CA SER D 56 -1.26 9.74 6.49
C SER D 56 -2.68 10.08 6.85
N MET D 57 -3.64 9.65 6.03
CA MET D 57 -5.04 9.94 6.29
C MET D 57 -5.50 9.49 7.65
N GLY D 58 -5.12 8.27 8.05
CA GLY D 58 -5.52 7.68 9.32
C GLY D 58 -4.77 8.03 10.59
N ILE D 59 -3.46 8.35 10.49
CA ILE D 59 -2.64 8.64 11.68
C ILE D 59 -1.97 10.01 11.74
N VAL D 60 -1.10 10.33 10.79
CA VAL D 60 -0.35 11.59 10.78
C VAL D 60 -1.17 12.85 10.60
N ARG D 61 -2.09 12.88 9.61
CA ARG D 61 -2.90 14.08 9.39
C ARG D 61 -3.69 14.39 10.64
N PRO D 62 -4.38 13.39 11.24
CA PRO D 62 -5.13 13.64 12.48
C PRO D 62 -4.24 14.16 13.58
N VAL D 63 -3.04 13.57 13.68
CA VAL D 63 -2.02 13.96 14.67
C VAL D 63 -1.64 15.42 14.51
N MET D 64 -1.41 15.84 13.27
CA MET D 64 -1.02 17.20 12.98
C MET D 64 -2.11 18.23 13.27
N ASN D 65 -3.33 17.78 13.54
CA ASN D 65 -4.42 18.70 13.86
C ASN D 65 -4.21 19.27 15.27
N VAL D 66 -3.46 18.52 16.10
CA VAL D 66 -3.13 18.91 17.46
C VAL D 66 -1.69 19.31 17.54
N HIS D 67 -0.80 18.50 16.95
CA HIS D 67 0.63 18.74 16.98
C HIS D 67 1.10 19.01 15.54
N PRO D 68 0.99 20.27 15.05
CA PRO D 68 1.41 20.58 13.68
C PRO D 68 2.88 20.26 13.57
N ASN D 69 3.35 19.89 12.39
CA ASN D 69 4.76 19.56 12.21
C ASN D 69 5.30 18.23 12.81
N ALA D 70 4.38 17.38 13.34
CA ALA D 70 4.61 16.00 13.79
C ALA D 70 5.14 15.19 12.56
N TRP D 71 5.00 15.77 11.34
CA TRP D 71 5.47 15.20 10.09
C TRP D 71 6.97 15.07 10.14
N VAL D 72 7.61 15.87 10.99
CA VAL D 72 9.05 15.82 11.15
C VAL D 72 9.46 14.55 11.91
N PHE D 73 8.53 13.91 12.65
CA PHE D 73 8.82 12.66 13.34
C PHE D 73 8.49 11.48 12.44
N PHE D 74 7.39 11.56 11.67
CA PHE D 74 6.94 10.44 10.83
C PHE D 74 7.56 10.25 9.46
N ILE D 75 7.70 11.30 8.66
CA ILE D 75 8.32 11.13 7.32
C ILE D 75 9.71 10.52 7.48
N PRO D 76 10.60 11.09 8.33
CA PRO D 76 11.91 10.48 8.54
C PRO D 76 11.79 9.04 9.01
N PHE D 77 10.88 8.78 9.97
CA PHE D 77 10.67 7.42 10.44
C PHE D 77 10.31 6.53 9.26
N ILE D 78 9.47 7.02 8.34
CA ILE D 78 9.07 6.24 7.16
C ILE D 78 10.28 5.96 6.29
N MET D 79 11.11 6.99 6.05
CA MET D 79 12.30 6.84 5.24
C MET D 79 13.19 5.77 5.83
N LEU D 80 13.63 5.95 7.08
CA LEU D 80 14.51 5.00 7.77
C LEU D 80 13.98 3.60 7.71
N THR D 81 12.76 3.38 8.21
CA THR D 81 12.13 2.06 8.22
C THR D 81 11.97 1.44 6.86
N THR D 82 11.59 2.24 5.85
CA THR D 82 11.43 1.73 4.50
C THR D 82 12.78 1.31 3.92
N PHE D 83 13.78 2.20 4.05
CA PHE D 83 15.12 1.98 3.56
C PHE D 83 15.67 0.67 4.07
N THR D 84 15.70 0.52 5.39
CA THR D 84 16.19 -0.69 6.05
C THR D 84 15.54 -1.94 5.50
N VAL D 85 14.21 -2.00 5.59
CA VAL D 85 13.43 -3.13 5.11
C VAL D 85 13.80 -3.42 3.67
N LEU D 86 13.93 -2.38 2.82
CA LEU D 86 14.30 -2.56 1.42
C LEU D 86 15.60 -3.32 1.34
N ASN D 87 16.65 -2.81 2.00
CA ASN D 87 17.96 -3.42 2.01
C ASN D 87 17.84 -4.85 2.43
N LEU D 88 17.36 -5.06 3.65
CA LEU D 88 17.20 -6.37 4.23
C LEU D 88 16.63 -7.36 3.23
N PHE D 89 15.58 -6.96 2.53
CA PHE D 89 14.90 -7.79 1.55
C PHE D 89 15.82 -8.11 0.42
N ILE D 90 16.49 -7.08 -0.11
CA ILE D 90 17.42 -7.27 -1.21
C ILE D 90 18.40 -8.37 -0.84
N GLY D 91 19.07 -8.24 0.31
CA GLY D 91 20.01 -9.23 0.82
C GLY D 91 19.51 -10.66 0.77
N ILE D 92 18.32 -10.91 1.36
CA ILE D 92 17.64 -12.21 1.38
C ILE D 92 17.51 -12.74 -0.05
N ILE D 93 17.03 -11.88 -0.98
CA ILE D 93 16.84 -12.17 -2.40
C ILE D 93 18.17 -12.38 -3.15
N VAL D 94 19.11 -11.44 -3.00
CA VAL D 94 20.41 -11.47 -3.67
C VAL D 94 21.23 -12.68 -3.24
N ASP D 95 21.42 -12.85 -1.93
CA ASP D 95 22.22 -13.93 -1.38
C ASP D 95 21.71 -15.31 -1.72
N ALA D 96 20.38 -15.49 -1.78
CA ALA D 96 19.78 -16.78 -2.13
C ALA D 96 20.15 -17.10 -3.56
N MET D 97 20.24 -16.06 -4.41
CA MET D 97 20.61 -16.21 -5.81
C MET D 97 22.11 -16.61 -5.92
N ALA D 98 23.00 -15.89 -5.19
CA ALA D 98 24.44 -16.11 -5.16
C ALA D 98 24.82 -17.47 -4.53
#